data_3W29
#
_entry.id   3W29
#
_cell.length_a   77.324
_cell.length_b   119.388
_cell.length_c   45.428
_cell.angle_alpha   90.00
_cell.angle_beta   90.00
_cell.angle_gamma   90.00
#
_symmetry.space_group_name_H-M   'P 21 21 2'
#
loop_
_entity.id
_entity.type
_entity.pdbx_description
1 polymer 'Glycoside hydrolase family 10'
2 branched beta-D-xylopyranose-(1-4)-beta-D-xylopyranose-(1-4)-beta-D-xylopyranose-(1-4)-alpha-D-xylopyranose
3 water water
#
_entity_poly.entity_id   1
_entity_poly.type   'polypeptide(L)'
_entity_poly.pdbx_seq_one_letter_code
;TIQNDIPDLYSVFKDYFPIGVAVDPSRLNDADPHAQLTAKHFNMLVAENAMKPESLQPTEGNFTFDNADKIVDYAIAHNM
KMRGHTLLWHNQVPDWFFQDPSDPSKPASRDLLLQRLRTHITTVLDHFKTKYGSQNPIIGWDVVNEVLDDNGNLRNSKWL
QIIGPDYIEKAFEYAHEADPSMKLFINDYNIENNGVKTQAMYDLVKKLKNEGVPINGIGMQMHISINSNIDNIKASIEKL
ASLGVEIQVTALDMNMNGDVSNDALLKQARLYKQLFDLFKAEKQYITAVVFWGVSDDVSWLSKPNAPLLFDSKLQAKPAY
WAIVDLGKAIPDIQSA
;
_entity_poly.pdbx_strand_id   A
#
loop_
_chem_comp.id
_chem_comp.type
_chem_comp.name
_chem_comp.formula
XYP D-saccharide, beta linking beta-D-xylopyranose 'C5 H10 O5'
XYS D-saccharide, alpha linking alpha-D-xylopyranose 'C5 H10 O5'
#
# COMPACT_ATOMS: atom_id res chain seq x y z
N THR A 1 -4.53 -16.03 -21.86
CA THR A 1 -4.86 -17.15 -20.95
C THR A 1 -3.72 -17.39 -19.99
N ILE A 2 -4.04 -17.80 -18.78
CA ILE A 2 -3.00 -18.01 -17.80
C ILE A 2 -2.48 -19.43 -17.74
N GLN A 3 -1.37 -19.63 -17.05
CA GLN A 3 -0.77 -20.97 -16.86
C GLN A 3 -1.39 -21.52 -15.58
N ASN A 4 -2.32 -22.46 -15.73
CA ASN A 4 -2.99 -22.97 -14.55
C ASN A 4 -2.24 -23.95 -13.70
N ASP A 5 -1.23 -24.59 -14.27
CA ASP A 5 -0.56 -25.63 -13.50
C ASP A 5 0.75 -25.33 -12.83
N ILE A 6 1.23 -24.09 -12.98
CA ILE A 6 2.45 -23.69 -12.31
C ILE A 6 2.12 -23.42 -10.81
N PRO A 7 3.12 -23.41 -9.95
CA PRO A 7 2.82 -23.17 -8.53
C PRO A 7 2.11 -21.87 -8.18
N ASP A 8 1.19 -21.93 -7.22
CA ASP A 8 0.49 -20.70 -6.74
C ASP A 8 1.58 -19.89 -6.01
N LEU A 9 1.84 -18.65 -6.48
CA LEU A 9 2.94 -17.88 -5.88
C LEU A 9 2.92 -17.80 -4.37
N TYR A 10 1.77 -17.42 -3.79
CA TYR A 10 1.74 -17.23 -2.34
C TYR A 10 2.04 -18.48 -1.55
N SER A 11 1.78 -19.64 -2.16
CA SER A 11 2.02 -20.89 -1.40
C SER A 11 3.49 -21.10 -1.11
N VAL A 12 4.36 -20.59 -1.97
CA VAL A 12 5.78 -20.68 -1.75
C VAL A 12 6.24 -19.97 -0.48
N PHE A 13 5.45 -18.99 -0.05
CA PHE A 13 5.76 -18.19 1.09
C PHE A 13 4.89 -18.38 2.28
N LYS A 14 4.16 -19.49 2.32
CA LYS A 14 3.28 -19.74 3.44
C LYS A 14 3.95 -19.73 4.83
N ASP A 15 5.23 -20.10 4.93
CA ASP A 15 5.85 -20.09 6.25
C ASP A 15 6.52 -18.77 6.56
N TYR A 16 6.23 -17.79 5.70
CA TYR A 16 6.85 -16.48 5.85
C TYR A 16 5.83 -15.34 6.02
N PHE A 17 5.01 -15.10 4.98
CA PHE A 17 4.04 -14.01 5.02
C PHE A 17 3.14 -14.12 3.84
N PRO A 18 1.95 -13.49 3.89
CA PRO A 18 1.00 -13.48 2.78
C PRO A 18 1.65 -12.68 1.60
N ILE A 19 1.27 -13.06 0.39
CA ILE A 19 1.73 -12.35 -0.81
C ILE A 19 0.47 -11.79 -1.43
N GLY A 20 0.41 -10.44 -1.54
CA GLY A 20 -0.80 -9.85 -2.04
C GLY A 20 -0.56 -9.06 -3.32
N VAL A 21 -1.63 -8.47 -3.78
CA VAL A 21 -1.61 -7.73 -5.05
C VAL A 21 -2.67 -6.62 -5.04
N ALA A 22 -2.31 -5.50 -5.68
CA ALA A 22 -3.25 -4.36 -5.84
C ALA A 22 -4.06 -4.55 -7.06
N VAL A 23 -5.38 -4.41 -6.94
CA VAL A 23 -6.29 -4.68 -8.05
C VAL A 23 -7.28 -3.55 -8.35
N ASP A 24 -7.80 -3.63 -9.57
CA ASP A 24 -8.80 -2.74 -10.12
C ASP A 24 -10.13 -3.51 -10.06
N PRO A 25 -11.23 -2.87 -9.68
CA PRO A 25 -12.54 -3.55 -9.57
C PRO A 25 -13.08 -4.07 -10.89
N SER A 26 -12.55 -3.61 -12.00
CA SER A 26 -13.06 -4.08 -13.30
C SER A 26 -12.36 -5.37 -13.70
N ARG A 27 -11.42 -5.85 -12.90
CA ARG A 27 -10.67 -7.08 -13.26
C ARG A 27 -10.90 -8.18 -12.27
N LEU A 28 -12.16 -8.34 -11.86
CA LEU A 28 -12.52 -9.36 -10.87
C LEU A 28 -13.53 -10.41 -11.32
N ASN A 29 -13.95 -10.37 -12.56
CA ASN A 29 -14.94 -11.37 -13.01
C ASN A 29 -14.24 -12.70 -13.24
N ASP A 30 -14.89 -13.79 -12.81
CA ASP A 30 -14.43 -15.17 -12.96
C ASP A 30 -13.79 -15.54 -14.30
N ALA A 31 -14.38 -15.03 -15.38
CA ALA A 31 -13.95 -15.32 -16.75
C ALA A 31 -12.81 -14.43 -17.25
N ASP A 32 -12.40 -13.46 -16.44
CA ASP A 32 -11.33 -12.53 -16.82
C ASP A 32 -9.97 -13.13 -16.39
N PRO A 33 -9.03 -13.26 -17.32
CA PRO A 33 -7.71 -13.82 -17.04
C PRO A 33 -6.97 -13.06 -15.94
N HIS A 34 -7.17 -11.74 -15.87
CA HIS A 34 -6.49 -11.02 -14.77
C HIS A 34 -7.05 -11.47 -13.43
N ALA A 35 -8.37 -11.72 -13.35
CA ALA A 35 -8.94 -12.18 -12.11
C ALA A 35 -8.45 -13.64 -11.83
N GLN A 36 -8.28 -14.42 -12.91
CA GLN A 36 -7.80 -15.80 -12.71
C GLN A 36 -6.39 -15.78 -12.12
N LEU A 37 -5.55 -14.86 -12.62
CA LEU A 37 -4.23 -14.73 -12.11
C LEU A 37 -4.22 -14.29 -10.62
N THR A 38 -5.12 -13.35 -10.33
CA THR A 38 -5.23 -12.82 -8.96
C THR A 38 -5.58 -13.91 -7.95
N ALA A 39 -6.63 -14.66 -8.26
CA ALA A 39 -7.07 -15.71 -7.34
C ALA A 39 -6.09 -16.84 -7.22
N LYS A 40 -5.38 -17.12 -8.32
CA LYS A 40 -4.45 -18.22 -8.28
C LYS A 40 -3.23 -17.95 -7.42
N HIS A 41 -2.66 -16.75 -7.59
CA HIS A 41 -1.37 -16.49 -6.97
C HIS A 41 -1.25 -15.72 -5.68
N PHE A 42 -2.38 -15.11 -5.27
CA PHE A 42 -2.29 -14.23 -4.09
C PHE A 42 -3.26 -14.60 -3.02
N ASN A 43 -2.84 -14.41 -1.79
CA ASN A 43 -3.77 -14.68 -0.69
C ASN A 43 -4.04 -13.38 0.09
N MET A 44 -3.72 -12.24 -0.58
CA MET A 44 -3.98 -10.91 0.02
C MET A 44 -4.27 -9.96 -1.12
N LEU A 45 -5.18 -9.00 -0.87
CA LEU A 45 -5.61 -8.04 -1.91
C LEU A 45 -5.61 -6.63 -1.33
N VAL A 46 -5.33 -5.69 -2.21
CA VAL A 46 -5.34 -4.24 -1.84
C VAL A 46 -6.05 -3.54 -2.97
N ALA A 47 -6.85 -2.49 -2.69
CA ALA A 47 -7.45 -1.74 -3.77
C ALA A 47 -6.39 -0.76 -4.32
N GLU A 48 -6.09 -0.85 -5.61
CA GLU A 48 -5.14 0.08 -6.21
C GLU A 48 -5.58 1.53 -6.11
N ASN A 49 -6.89 1.72 -6.24
CA ASN A 49 -7.49 3.09 -6.22
C ASN A 49 -8.82 3.18 -5.50
N ALA A 50 -9.59 2.09 -5.37
CA ALA A 50 -10.97 2.23 -4.89
C ALA A 50 -11.19 2.60 -3.47
N MET A 51 -10.15 2.61 -2.64
CA MET A 51 -10.28 2.99 -1.24
C MET A 51 -9.56 4.30 -0.90
N LYS A 52 -9.11 5.00 -1.92
CA LYS A 52 -8.51 6.33 -1.70
C LYS A 52 -9.59 7.35 -1.34
N PRO A 53 -9.18 8.49 -0.77
CA PRO A 53 -10.24 9.42 -0.34
C PRO A 53 -11.16 9.87 -1.40
N GLU A 54 -10.70 10.25 -2.59
CA GLU A 54 -11.62 10.70 -3.64
C GLU A 54 -12.52 9.56 -4.12
N SER A 55 -12.03 8.31 -3.98
CA SER A 55 -12.81 7.17 -4.44
C SER A 55 -13.89 6.80 -3.46
N LEU A 56 -13.80 7.28 -2.23
CA LEU A 56 -14.77 6.96 -1.20
C LEU A 56 -15.67 8.12 -0.79
N GLN A 57 -15.23 9.36 -0.92
CA GLN A 57 -16.10 10.51 -0.54
C GLN A 57 -15.80 11.63 -1.50
N PRO A 58 -16.26 11.48 -2.76
CA PRO A 58 -15.98 12.50 -3.79
C PRO A 58 -16.49 13.88 -3.54
N THR A 59 -17.63 13.95 -2.87
CA THR A 59 -18.20 15.25 -2.46
C THR A 59 -18.63 15.04 -1.02
N GLU A 60 -18.74 16.10 -0.21
CA GLU A 60 -18.94 15.92 1.21
C GLU A 60 -20.23 15.23 1.60
N GLY A 61 -20.09 14.13 2.32
CA GLY A 61 -21.27 13.39 2.76
C GLY A 61 -21.72 12.36 1.74
N ASN A 62 -21.18 12.34 0.54
CA ASN A 62 -21.62 11.46 -0.54
C ASN A 62 -20.58 10.38 -0.63
N PHE A 63 -20.82 9.27 0.06
CA PHE A 63 -19.85 8.16 0.09
C PHE A 63 -20.14 7.18 -0.98
N THR A 64 -19.10 6.74 -1.67
CA THR A 64 -19.20 5.83 -2.82
C THR A 64 -18.38 4.57 -2.58
N PHE A 65 -18.93 3.61 -1.86
CA PHE A 65 -18.24 2.39 -1.52
C PHE A 65 -18.46 1.22 -2.47
N ASP A 66 -19.20 1.38 -3.55
CA ASP A 66 -19.50 0.18 -4.39
C ASP A 66 -18.24 -0.50 -4.93
N ASN A 67 -17.29 0.25 -5.48
CA ASN A 67 -16.09 -0.40 -6.04
C ASN A 67 -15.26 -1.04 -4.95
N ALA A 68 -15.09 -0.35 -3.82
CA ALA A 68 -14.35 -0.92 -2.70
C ALA A 68 -15.00 -2.21 -2.22
N ASP A 69 -16.33 -2.19 -2.06
CA ASP A 69 -17.06 -3.36 -1.61
C ASP A 69 -16.95 -4.51 -2.64
N LYS A 70 -16.90 -4.20 -3.92
CA LYS A 70 -16.77 -5.27 -4.93
C LYS A 70 -15.45 -5.98 -4.67
N ILE A 71 -14.38 -5.24 -4.34
CA ILE A 71 -13.10 -5.84 -4.08
C ILE A 71 -13.12 -6.63 -2.79
N VAL A 72 -13.74 -6.08 -1.74
CA VAL A 72 -13.87 -6.79 -0.49
C VAL A 72 -14.68 -8.11 -0.69
N ASP A 73 -15.78 -8.04 -1.43
CA ASP A 73 -16.59 -9.27 -1.69
C ASP A 73 -15.71 -10.33 -2.33
N TYR A 74 -14.88 -9.93 -3.30
CA TYR A 74 -14.01 -10.85 -4.02
C TYR A 74 -12.97 -11.43 -3.07
N ALA A 75 -12.36 -10.63 -2.20
CA ALA A 75 -11.42 -11.12 -1.24
C ALA A 75 -12.07 -12.17 -0.34
N ILE A 76 -13.28 -11.88 0.11
CA ILE A 76 -13.99 -12.84 0.99
C ILE A 76 -14.22 -14.14 0.22
N ALA A 77 -14.67 -14.02 -1.01
CA ALA A 77 -14.99 -15.22 -1.85
C ALA A 77 -13.75 -16.07 -2.10
N HIS A 78 -12.56 -15.45 -2.13
CA HIS A 78 -11.32 -16.17 -2.38
C HIS A 78 -10.43 -16.37 -1.16
N ASN A 79 -10.99 -16.15 0.02
CA ASN A 79 -10.29 -16.36 1.27
C ASN A 79 -8.96 -15.58 1.31
N MET A 80 -9.05 -14.32 0.94
CA MET A 80 -7.88 -13.47 0.95
C MET A 80 -8.06 -12.43 2.05
N LYS A 81 -6.96 -12.07 2.67
CA LYS A 81 -6.93 -10.94 3.62
C LYS A 81 -6.75 -9.69 2.73
N MET A 82 -6.95 -8.53 3.35
CA MET A 82 -6.75 -7.25 2.65
C MET A 82 -6.02 -6.22 3.47
N ARG A 83 -5.41 -5.26 2.74
CA ARG A 83 -4.87 -4.05 3.36
C ARG A 83 -5.77 -2.94 2.82
N GLY A 84 -6.06 -1.97 3.69
CA GLY A 84 -6.87 -0.79 3.30
C GLY A 84 -5.92 0.35 2.90
N HIS A 85 -6.06 0.79 1.66
CA HIS A 85 -5.19 1.87 1.13
C HIS A 85 -6.13 2.96 0.56
N THR A 86 -6.21 4.17 1.10
CA THR A 86 -5.47 4.74 2.23
C THR A 86 -6.36 5.85 2.80
N LEU A 87 -6.29 6.09 4.11
CA LEU A 87 -7.20 7.08 4.72
C LEU A 87 -6.83 8.52 4.49
N LEU A 88 -5.57 8.84 4.20
CA LEU A 88 -5.11 10.22 4.02
C LEU A 88 -3.93 10.17 3.05
N TRP A 89 -3.95 11.10 2.09
CA TRP A 89 -2.88 11.28 1.10
C TRP A 89 -3.06 12.72 0.57
N HIS A 90 -2.06 13.18 -0.15
CA HIS A 90 -2.14 14.50 -0.78
C HIS A 90 -2.54 14.38 -2.25
N ASN A 91 -2.58 13.16 -2.80
CA ASN A 91 -3.12 12.95 -4.14
C ASN A 91 -4.42 12.13 -3.98
N GLN A 92 -5.24 12.18 -5.04
CA GLN A 92 -6.49 11.46 -5.08
C GLN A 92 -7.29 11.72 -3.84
N VAL A 93 -7.37 13.01 -3.49
CA VAL A 93 -8.12 13.52 -2.33
C VAL A 93 -8.90 14.71 -2.86
N PRO A 94 -10.21 14.78 -2.62
CA PRO A 94 -10.92 15.93 -3.19
C PRO A 94 -10.63 17.26 -2.55
N ASP A 95 -10.67 18.27 -3.41
CA ASP A 95 -10.40 19.65 -3.00
C ASP A 95 -11.37 20.12 -1.90
N TRP A 96 -12.59 19.59 -1.86
CA TRP A 96 -13.54 20.10 -0.91
C TRP A 96 -13.04 19.98 0.51
N PHE A 97 -12.22 18.96 0.79
CA PHE A 97 -11.74 18.81 2.18
C PHE A 97 -11.07 20.09 2.71
N PHE A 98 -10.36 20.74 1.80
CA PHE A 98 -9.47 21.86 2.21
C PHE A 98 -10.08 23.23 2.00
N GLN A 99 -11.34 23.30 1.59
CA GLN A 99 -12.00 24.58 1.29
C GLN A 99 -12.99 24.95 2.34
N ASP A 100 -13.09 26.27 2.60
CA ASP A 100 -14.13 26.77 3.53
C ASP A 100 -15.44 26.54 2.71
N PRO A 101 -16.45 25.87 3.28
CA PRO A 101 -17.62 25.66 2.43
C PRO A 101 -18.46 26.89 2.11
N SER A 102 -18.31 27.96 2.88
CA SER A 102 -19.07 29.19 2.57
C SER A 102 -18.31 30.04 1.54
N ASP A 103 -16.99 29.93 1.55
CA ASP A 103 -16.18 30.71 0.63
C ASP A 103 -15.10 29.76 0.16
N PRO A 104 -15.33 29.04 -0.93
CA PRO A 104 -14.36 28.07 -1.48
C PRO A 104 -13.06 28.63 -2.00
N SER A 105 -12.94 29.95 -1.94
CA SER A 105 -11.72 30.65 -2.35
C SER A 105 -10.79 30.68 -1.11
N LYS A 106 -11.34 30.35 0.05
CA LYS A 106 -10.58 30.38 1.33
C LYS A 106 -10.40 28.95 1.85
N PRO A 107 -9.34 28.74 2.64
CA PRO A 107 -9.08 27.39 3.21
C PRO A 107 -9.94 27.07 4.41
N ALA A 108 -10.23 25.77 4.60
CA ALA A 108 -10.83 25.32 5.83
C ALA A 108 -9.90 25.59 7.06
N SER A 109 -10.49 25.76 8.23
CA SER A 109 -9.69 25.97 9.43
C SER A 109 -9.10 24.63 9.85
N ARG A 110 -8.18 24.68 10.79
CA ARG A 110 -7.61 23.48 11.42
C ARG A 110 -8.69 22.64 12.03
N ASP A 111 -9.63 23.21 12.81
CA ASP A 111 -10.65 22.40 13.39
C ASP A 111 -11.60 21.80 12.33
N LEU A 112 -11.90 22.53 11.29
CA LEU A 112 -12.83 21.95 10.28
C LEU A 112 -12.16 20.82 9.54
N LEU A 113 -10.92 20.99 9.14
CA LEU A 113 -10.21 19.94 8.41
C LEU A 113 -10.04 18.72 9.31
N LEU A 114 -9.73 18.90 10.60
CA LEU A 114 -9.62 17.76 11.53
C LEU A 114 -10.96 17.10 11.68
N GLN A 115 -12.06 17.85 11.76
CA GLN A 115 -13.35 17.22 11.87
C GLN A 115 -13.67 16.40 10.60
N ARG A 116 -13.38 16.98 9.45
CA ARG A 116 -13.62 16.24 8.19
C ARG A 116 -12.78 14.98 8.14
N LEU A 117 -11.54 15.06 8.61
CA LEU A 117 -10.67 13.87 8.59
C LEU A 117 -11.25 12.83 9.55
N ARG A 118 -11.71 13.24 10.73
CA ARG A 118 -12.29 12.31 11.72
C ARG A 118 -13.56 11.66 11.09
N THR A 119 -14.41 12.46 10.48
CA THR A 119 -15.64 11.91 9.88
C THR A 119 -15.30 10.96 8.73
N HIS A 120 -14.33 11.30 7.89
CA HIS A 120 -13.98 10.40 6.80
C HIS A 120 -13.44 9.07 7.36
N ILE A 121 -12.45 9.16 8.25
CA ILE A 121 -11.83 7.93 8.78
C ILE A 121 -12.88 7.09 9.48
N THR A 122 -13.71 7.71 10.30
CA THR A 122 -14.68 6.95 11.08
C THR A 122 -15.72 6.34 10.19
N THR A 123 -16.19 7.06 9.19
CA THR A 123 -17.20 6.47 8.31
C THR A 123 -16.61 5.33 7.53
N VAL A 124 -15.40 5.50 7.02
CA VAL A 124 -14.78 4.43 6.23
C VAL A 124 -14.59 3.16 7.09
N LEU A 125 -14.00 3.27 8.27
CA LEU A 125 -13.81 2.07 9.08
C LEU A 125 -15.16 1.56 9.54
N ASP A 126 -16.08 2.43 9.94
CA ASP A 126 -17.39 1.87 10.38
C ASP A 126 -18.13 1.20 9.24
N HIS A 127 -17.96 1.62 7.99
CA HIS A 127 -18.63 1.00 6.87
C HIS A 127 -18.20 -0.46 6.75
N PHE A 128 -16.91 -0.69 6.78
CA PHE A 128 -16.44 -2.08 6.59
C PHE A 128 -16.79 -2.89 7.79
N LYS A 129 -16.71 -2.36 9.00
CA LYS A 129 -17.09 -3.13 10.19
C LYS A 129 -18.60 -3.43 10.21
N THR A 130 -19.44 -2.45 9.91
CA THR A 130 -20.86 -2.74 9.97
C THR A 130 -21.34 -3.56 8.80
N LYS A 131 -20.77 -3.42 7.63
CA LYS A 131 -21.29 -4.19 6.53
C LYS A 131 -20.77 -5.61 6.56
N TYR A 132 -19.53 -5.83 6.98
CA TYR A 132 -18.91 -7.15 6.90
C TYR A 132 -18.67 -7.84 8.21
N GLY A 133 -18.66 -7.10 9.31
CA GLY A 133 -18.45 -7.66 10.64
C GLY A 133 -17.21 -8.51 10.75
N SER A 134 -17.39 -9.68 11.38
CA SER A 134 -16.29 -10.60 11.56
C SER A 134 -15.72 -11.10 10.21
N GLN A 135 -16.46 -10.96 9.10
CA GLN A 135 -15.96 -11.39 7.80
C GLN A 135 -15.15 -10.29 7.11
N ASN A 136 -15.00 -9.11 7.74
CA ASN A 136 -14.17 -8.05 7.12
C ASN A 136 -12.76 -8.62 6.90
N PRO A 137 -12.27 -8.63 5.63
CA PRO A 137 -10.94 -9.17 5.34
C PRO A 137 -9.80 -8.22 5.61
N ILE A 138 -10.14 -6.94 5.77
CA ILE A 138 -9.10 -5.92 5.99
C ILE A 138 -8.45 -6.08 7.33
N ILE A 139 -7.15 -6.27 7.35
CA ILE A 139 -6.43 -6.45 8.61
C ILE A 139 -5.72 -5.22 9.11
N GLY A 140 -5.57 -4.24 8.21
CA GLY A 140 -4.88 -3.00 8.61
C GLY A 140 -5.06 -2.01 7.48
N TRP A 141 -4.74 -0.77 7.87
CA TRP A 141 -4.86 0.36 6.92
C TRP A 141 -3.60 1.19 6.87
N ASP A 142 -3.34 1.72 5.68
CA ASP A 142 -2.34 2.78 5.52
C ASP A 142 -3.16 4.02 5.98
N VAL A 143 -2.87 4.44 7.20
CA VAL A 143 -3.61 5.56 7.81
C VAL A 143 -3.16 6.87 7.13
N VAL A 144 -1.85 7.05 6.97
CA VAL A 144 -1.33 8.18 6.20
C VAL A 144 -0.36 7.62 5.20
N ASN A 145 -0.37 8.25 4.04
CA ASN A 145 0.48 7.87 2.89
C ASN A 145 1.34 9.02 2.44
N GLU A 146 2.64 8.80 2.30
CA GLU A 146 3.58 9.78 1.72
C GLU A 146 3.61 11.11 2.46
N VAL A 147 3.70 11.07 3.76
CA VAL A 147 3.75 12.31 4.54
C VAL A 147 5.12 12.95 4.61
N LEU A 148 6.16 12.29 4.15
CA LEU A 148 7.52 12.88 4.15
C LEU A 148 7.84 13.39 2.77
N ASP A 149 8.68 14.41 2.66
CA ASP A 149 9.14 14.80 1.34
C ASP A 149 10.47 14.12 1.04
N ASP A 150 11.01 14.34 -0.15
CA ASP A 150 12.20 13.59 -0.40
C ASP A 150 13.44 14.05 0.31
N ASN A 151 13.36 15.17 1.03
CA ASN A 151 14.47 15.63 1.83
C ASN A 151 14.32 15.16 3.27
N GLY A 152 13.25 14.42 3.53
CA GLY A 152 13.03 13.97 4.90
C GLY A 152 12.24 14.90 5.79
N ASN A 153 11.83 16.05 5.26
CA ASN A 153 10.98 16.92 6.08
C ASN A 153 9.52 16.51 5.88
N LEU A 154 8.64 17.05 6.69
CA LEU A 154 7.23 16.75 6.44
C LEU A 154 6.81 17.38 5.13
N ARG A 155 6.13 16.58 4.31
CA ARG A 155 5.64 17.08 3.02
C ARG A 155 4.64 18.23 3.30
N ASN A 156 4.84 19.33 2.58
CA ASN A 156 3.98 20.53 2.79
C ASN A 156 2.68 20.49 2.00
N SER A 157 1.87 19.48 2.29
CA SER A 157 0.56 19.31 1.65
C SER A 157 -0.43 20.22 2.34
N LYS A 158 -1.65 20.25 1.84
CA LYS A 158 -2.65 21.08 2.46
C LYS A 158 -2.95 20.63 3.88
N TRP A 159 -2.77 19.33 4.16
CA TRP A 159 -2.94 18.88 5.54
C TRP A 159 -1.95 19.59 6.47
N LEU A 160 -0.68 19.62 6.07
CA LEU A 160 0.32 20.26 6.92
C LEU A 160 0.07 21.77 7.02
N GLN A 161 -0.29 22.36 5.89
CA GLN A 161 -0.46 23.83 5.85
C GLN A 161 -1.59 24.28 6.73
N ILE A 162 -2.72 23.56 6.68
CA ILE A 162 -3.90 23.99 7.43
C ILE A 162 -3.87 23.61 8.88
N ILE A 163 -3.47 22.36 9.18
CA ILE A 163 -3.47 21.85 10.56
C ILE A 163 -2.19 22.02 11.31
N GLY A 164 -1.09 21.77 10.63
CA GLY A 164 0.18 21.72 11.35
C GLY A 164 0.67 20.26 11.44
N PRO A 165 1.86 20.07 12.01
CA PRO A 165 2.50 18.74 12.11
C PRO A 165 1.77 17.68 12.87
N ASP A 166 0.86 18.02 13.79
CA ASP A 166 0.18 16.96 14.52
C ASP A 166 -0.99 16.31 13.74
N TYR A 167 -1.18 16.69 12.47
CA TYR A 167 -2.27 16.06 11.72
C TYR A 167 -2.05 14.55 11.57
N ILE A 168 -0.76 14.16 11.57
CA ILE A 168 -0.43 12.73 11.47
C ILE A 168 -0.91 11.92 12.69
N GLU A 169 -0.57 12.42 13.88
CA GLU A 169 -0.96 11.82 15.14
C GLU A 169 -2.50 11.76 15.17
N LYS A 170 -3.15 12.85 14.75
CA LYS A 170 -4.62 12.86 14.83
C LYS A 170 -5.25 11.80 13.93
N ALA A 171 -4.68 11.63 12.71
CA ALA A 171 -5.23 10.57 11.85
C ALA A 171 -5.18 9.19 12.52
N PHE A 172 -4.01 8.90 13.11
CA PHE A 172 -3.88 7.63 13.86
C PHE A 172 -4.85 7.53 15.03
N GLU A 173 -5.00 8.62 15.81
CA GLU A 173 -5.93 8.57 16.92
C GLU A 173 -7.35 8.28 16.39
N TYR A 174 -7.75 8.96 15.32
CA TYR A 174 -9.11 8.75 14.83
C TYR A 174 -9.33 7.34 14.32
N ALA A 175 -8.34 6.81 13.60
CA ALA A 175 -8.49 5.45 13.11
C ALA A 175 -8.53 4.42 14.27
N HIS A 176 -7.67 4.60 15.27
CA HIS A 176 -7.64 3.66 16.37
C HIS A 176 -8.95 3.67 17.16
N GLU A 177 -9.52 4.84 17.31
CA GLU A 177 -10.77 4.96 18.02
C GLU A 177 -11.90 4.32 17.24
N ALA A 178 -11.89 4.43 15.91
CA ALA A 178 -12.95 3.86 15.09
C ALA A 178 -12.91 2.35 15.08
N ASP A 179 -11.71 1.80 14.93
CA ASP A 179 -11.61 0.32 14.88
C ASP A 179 -10.29 -0.10 15.47
N PRO A 180 -10.27 -0.40 16.79
CA PRO A 180 -9.04 -0.81 17.44
C PRO A 180 -8.54 -2.23 16.98
N SER A 181 -9.31 -2.95 16.17
CA SER A 181 -8.86 -4.24 15.66
C SER A 181 -7.96 -4.07 14.45
N MET A 182 -7.93 -2.88 13.84
CA MET A 182 -7.06 -2.69 12.66
C MET A 182 -5.62 -2.35 13.00
N LYS A 183 -4.67 -2.98 12.29
CA LYS A 183 -3.27 -2.60 12.44
C LYS A 183 -3.10 -1.27 11.62
N LEU A 184 -2.41 -0.31 12.23
CA LEU A 184 -2.32 1.03 11.60
C LEU A 184 -0.91 1.26 11.11
N PHE A 185 -0.82 1.59 9.82
CA PHE A 185 0.44 1.83 9.15
C PHE A 185 0.67 3.25 8.65
N ILE A 186 1.91 3.67 8.66
CA ILE A 186 2.38 4.90 7.95
C ILE A 186 3.13 4.35 6.73
N ASN A 187 2.76 4.77 5.51
CA ASN A 187 3.32 4.17 4.27
C ASN A 187 4.14 5.18 3.46
N ASP A 188 5.23 4.75 2.82
CA ASP A 188 5.99 5.74 2.00
C ASP A 188 6.91 5.05 1.07
N TYR A 189 7.37 5.81 0.08
CA TYR A 189 8.36 5.35 -0.90
C TYR A 189 9.69 5.96 -0.61
N ASN A 190 10.74 5.32 -1.19
CA ASN A 190 12.15 5.73 -1.04
C ASN A 190 12.71 5.53 0.35
N ILE A 191 11.93 4.93 1.25
CA ILE A 191 12.45 4.66 2.58
C ILE A 191 13.24 3.32 2.62
N GLU A 192 13.38 2.63 1.49
CA GLU A 192 14.19 1.39 1.38
C GLU A 192 15.62 1.76 0.89
N ASN A 193 15.89 3.03 0.62
CA ASN A 193 17.22 3.42 0.07
C ASN A 193 18.32 3.74 1.10
N ASN A 194 18.00 3.66 2.38
CA ASN A 194 18.89 3.96 3.50
C ASN A 194 19.52 5.32 3.39
N GLY A 195 18.72 6.31 2.95
CA GLY A 195 19.19 7.69 2.84
C GLY A 195 18.49 8.57 3.84
N VAL A 196 18.41 9.87 3.52
CA VAL A 196 17.81 10.81 4.45
C VAL A 196 16.33 10.52 4.72
N LYS A 197 15.61 9.97 3.74
CA LYS A 197 14.18 9.71 3.97
C LYS A 197 13.99 8.53 4.91
N THR A 198 14.78 7.46 4.73
CA THR A 198 14.74 6.36 5.71
C THR A 198 14.99 6.91 7.12
N GLN A 199 16.03 7.74 7.30
CA GLN A 199 16.26 8.26 8.61
C GLN A 199 15.11 9.07 9.14
N ALA A 200 14.51 9.86 8.26
CA ALA A 200 13.41 10.69 8.69
C ALA A 200 12.17 9.86 9.11
N MET A 201 11.95 8.73 8.39
CA MET A 201 10.80 7.87 8.76
C MET A 201 11.07 7.26 10.14
N TYR A 202 12.32 6.83 10.32
CA TYR A 202 12.70 6.24 11.64
C TYR A 202 12.50 7.30 12.74
N ASP A 203 12.96 8.52 12.47
CA ASP A 203 12.84 9.55 13.48
C ASP A 203 11.40 9.93 13.83
N LEU A 204 10.58 10.03 12.80
CA LEU A 204 9.20 10.42 12.99
C LEU A 204 8.43 9.30 13.75
N VAL A 205 8.60 8.04 13.34
CA VAL A 205 7.88 6.98 14.06
C VAL A 205 8.40 6.82 15.48
N LYS A 206 9.71 6.99 15.67
CA LYS A 206 10.23 6.88 17.03
C LYS A 206 9.53 7.93 17.88
N LYS A 207 9.46 9.16 17.37
CA LYS A 207 8.88 10.26 18.13
C LYS A 207 7.42 10.05 18.38
N LEU A 208 6.65 9.69 17.35
CA LEU A 208 5.22 9.50 17.58
C LEU A 208 4.90 8.32 18.44
N LYS A 209 5.62 7.20 18.29
CA LYS A 209 5.33 6.09 19.20
C LYS A 209 5.64 6.42 20.65
N ASN A 210 6.72 7.14 20.89
CA ASN A 210 7.10 7.50 22.27
C ASN A 210 6.06 8.45 22.86
N GLU A 211 5.27 9.11 22.01
CA GLU A 211 4.21 10.02 22.47
C GLU A 211 2.90 9.27 22.58
N GLY A 212 2.90 7.95 22.38
CA GLY A 212 1.71 7.18 22.56
C GLY A 212 0.83 7.09 21.30
N VAL A 213 1.33 7.54 20.14
CA VAL A 213 0.49 7.46 18.91
C VAL A 213 0.39 5.96 18.55
N PRO A 214 -0.83 5.49 18.25
CA PRO A 214 -1.05 4.06 17.95
C PRO A 214 -0.63 3.59 16.56
N ILE A 215 0.65 3.72 16.28
CA ILE A 215 1.20 3.30 14.98
C ILE A 215 1.67 1.85 15.22
N ASN A 216 1.17 0.91 14.43
CA ASN A 216 1.57 -0.49 14.56
C ASN A 216 2.60 -0.91 13.53
N GLY A 217 2.74 -0.18 12.44
CA GLY A 217 3.64 -0.65 11.39
C GLY A 217 4.09 0.44 10.46
N ILE A 218 5.13 0.13 9.69
CA ILE A 218 5.62 1.01 8.67
C ILE A 218 5.47 0.23 7.36
N GLY A 219 4.80 0.88 6.41
CA GLY A 219 4.62 0.36 5.06
C GLY A 219 5.73 0.89 4.18
N MET A 220 6.49 -0.01 3.60
CA MET A 220 7.57 0.38 2.66
C MET A 220 7.01 0.07 1.27
N GLN A 221 6.65 1.10 0.51
CA GLN A 221 6.11 0.87 -0.86
C GLN A 221 6.98 -0.07 -1.77
N MET A 222 8.22 0.18 -1.78
CA MET A 222 9.18 -0.62 -2.54
C MET A 222 9.06 -0.51 -4.06
N HIS A 223 8.90 0.73 -4.53
CA HIS A 223 8.92 0.95 -5.99
C HIS A 223 10.39 1.04 -6.32
N ILE A 224 11.01 -0.15 -6.46
CA ILE A 224 12.44 -0.22 -6.70
C ILE A 224 12.78 -0.14 -8.19
N SER A 225 14.06 -0.20 -8.52
CA SER A 225 14.40 -0.18 -9.96
C SER A 225 15.39 -1.31 -10.22
N ILE A 226 15.66 -1.53 -11.50
CA ILE A 226 16.59 -2.57 -11.90
C ILE A 226 17.96 -2.31 -11.35
N ASN A 227 18.27 -1.09 -10.90
CA ASN A 227 19.57 -0.70 -10.32
C ASN A 227 19.55 -0.59 -8.80
N SER A 228 18.47 -1.03 -8.16
CA SER A 228 18.43 -0.86 -6.69
C SER A 228 19.49 -1.68 -5.97
N ASN A 229 19.94 -1.16 -4.83
CA ASN A 229 21.00 -1.81 -4.06
C ASN A 229 20.39 -2.60 -2.92
N ILE A 230 20.49 -3.92 -2.98
CA ILE A 230 19.93 -4.79 -1.95
C ILE A 230 20.50 -4.47 -0.57
N ASP A 231 21.78 -4.12 -0.49
CA ASP A 231 22.33 -3.81 0.84
C ASP A 231 21.61 -2.62 1.52
N ASN A 232 21.25 -1.62 0.70
CA ASN A 232 20.53 -0.46 1.26
C ASN A 232 19.13 -0.88 1.71
N ILE A 233 18.48 -1.79 0.97
CA ILE A 233 17.16 -2.25 1.38
C ILE A 233 17.26 -3.02 2.72
N LYS A 234 18.30 -3.87 2.84
CA LYS A 234 18.44 -4.62 4.08
C LYS A 234 18.72 -3.70 5.25
N ALA A 235 19.59 -2.71 5.04
CA ALA A 235 19.88 -1.77 6.14
C ALA A 235 18.66 -0.92 6.56
N SER A 236 17.79 -0.59 5.59
CA SER A 236 16.57 0.21 5.88
C SER A 236 15.60 -0.63 6.69
N ILE A 237 15.40 -1.89 6.26
CA ILE A 237 14.54 -2.77 7.03
C ILE A 237 15.03 -2.92 8.46
N GLU A 238 16.33 -3.15 8.63
CA GLU A 238 16.83 -3.31 10.01
C GLU A 238 16.64 -2.06 10.82
N LYS A 239 16.90 -0.91 10.22
CA LYS A 239 16.75 0.31 10.96
C LYS A 239 15.27 0.59 11.36
N LEU A 240 14.36 0.43 10.42
CA LEU A 240 12.96 0.71 10.73
C LEU A 240 12.41 -0.34 11.70
N ALA A 241 12.88 -1.58 11.52
CA ALA A 241 12.40 -2.66 12.39
C ALA A 241 12.82 -2.49 13.85
N SER A 242 13.89 -1.75 14.09
CA SER A 242 14.36 -1.54 15.47
C SER A 242 13.40 -0.78 16.32
N LEU A 243 12.36 -0.16 15.69
CA LEU A 243 11.37 0.56 16.44
C LEU A 243 10.29 -0.31 17.11
N GLY A 244 10.33 -1.61 16.78
CA GLY A 244 9.33 -2.51 17.37
C GLY A 244 7.96 -2.43 16.72
N VAL A 245 7.95 -2.07 15.44
CA VAL A 245 6.73 -1.99 14.64
C VAL A 245 6.82 -3.08 13.55
N GLU A 246 5.68 -3.49 13.00
CA GLU A 246 5.68 -4.45 11.90
C GLU A 246 6.14 -3.72 10.66
N ILE A 247 6.72 -4.47 9.74
CA ILE A 247 7.09 -3.91 8.44
C ILE A 247 6.28 -4.62 7.39
N GLN A 248 5.64 -3.90 6.47
CA GLN A 248 4.99 -4.55 5.34
C GLN A 248 5.56 -3.92 4.07
N VAL A 249 5.83 -4.77 3.09
CA VAL A 249 6.27 -4.28 1.75
C VAL A 249 4.96 -4.14 1.06
N THR A 250 4.56 -2.86 0.82
CA THR A 250 3.20 -2.61 0.38
C THR A 250 2.91 -2.37 -1.08
N ALA A 251 3.92 -2.09 -1.91
CA ALA A 251 3.63 -1.74 -3.30
C ALA A 251 4.78 -2.06 -4.30
N LEU A 252 5.27 -3.28 -4.16
CA LEU A 252 6.43 -3.71 -4.89
C LEU A 252 6.26 -3.81 -6.40
N ASP A 253 7.21 -3.17 -7.10
CA ASP A 253 7.34 -3.33 -8.57
C ASP A 253 8.74 -2.85 -8.88
N MET A 254 9.16 -3.13 -10.13
CA MET A 254 10.55 -2.82 -10.50
C MET A 254 10.62 -2.05 -11.75
N ASN A 255 11.13 -0.83 -11.65
CA ASN A 255 11.21 0.05 -12.82
C ASN A 255 12.43 -0.37 -13.62
N MET A 256 12.16 -0.68 -14.90
CA MET A 256 13.21 -1.16 -15.78
C MET A 256 13.89 -0.04 -16.56
N ASN A 257 13.53 1.22 -16.31
CA ASN A 257 14.15 2.36 -16.99
C ASN A 257 14.20 2.22 -18.53
N GLY A 258 13.11 1.71 -19.08
CA GLY A 258 12.94 1.53 -20.53
C GLY A 258 13.56 0.30 -21.14
N ASP A 259 14.36 -0.43 -20.35
CA ASP A 259 15.04 -1.61 -20.87
C ASP A 259 14.28 -2.89 -20.53
N VAL A 260 13.45 -3.33 -21.46
CA VAL A 260 12.64 -4.53 -21.35
C VAL A 260 13.16 -5.71 -22.19
N SER A 261 14.44 -5.60 -22.52
CA SER A 261 15.12 -6.66 -23.30
C SER A 261 15.19 -8.00 -22.56
N ASN A 262 15.45 -9.09 -23.28
CA ASN A 262 15.56 -10.37 -22.60
C ASN A 262 16.70 -10.32 -21.56
N ASP A 263 17.81 -9.63 -21.87
CA ASP A 263 18.89 -9.55 -20.92
C ASP A 263 18.42 -8.87 -19.62
N ALA A 264 17.66 -7.81 -19.78
CA ALA A 264 17.17 -7.09 -18.62
C ALA A 264 16.22 -7.97 -17.81
N LEU A 265 15.39 -8.79 -18.44
CA LEU A 265 14.50 -9.68 -17.71
C LEU A 265 15.31 -10.68 -16.89
N LEU A 266 16.48 -11.09 -17.39
CA LEU A 266 17.30 -12.04 -16.61
C LEU A 266 17.92 -11.30 -15.43
N LYS A 267 18.35 -10.05 -15.58
CA LYS A 267 18.89 -9.22 -14.50
C LYS A 267 17.75 -9.01 -13.49
N GLN A 268 16.54 -8.71 -13.99
CA GLN A 268 15.39 -8.55 -13.09
C GLN A 268 15.20 -9.82 -12.26
N ALA A 269 15.28 -11.00 -12.84
CA ALA A 269 15.13 -12.24 -12.08
C ALA A 269 16.18 -12.39 -10.97
N ARG A 270 17.43 -12.06 -11.24
CA ARG A 270 18.46 -12.17 -10.23
C ARG A 270 18.17 -11.19 -9.08
N LEU A 271 17.71 -9.99 -9.41
CA LEU A 271 17.44 -8.98 -8.39
C LEU A 271 16.19 -9.36 -7.57
N TYR A 272 15.13 -9.83 -8.19
CA TYR A 272 13.94 -10.25 -7.46
C TYR A 272 14.28 -11.44 -6.54
N LYS A 273 15.15 -12.33 -6.98
CA LYS A 273 15.50 -13.48 -6.13
C LYS A 273 16.25 -12.96 -4.93
N GLN A 274 17.21 -12.08 -5.12
CA GLN A 274 17.91 -11.51 -3.97
C GLN A 274 16.96 -10.78 -3.05
N LEU A 275 15.99 -10.07 -3.59
CA LEU A 275 15.08 -9.30 -2.78
C LEU A 275 14.22 -10.26 -1.94
N PHE A 276 13.68 -11.31 -2.52
CA PHE A 276 12.86 -12.22 -1.77
C PHE A 276 13.68 -13.05 -0.77
N ASP A 277 14.95 -13.28 -1.06
CA ASP A 277 15.77 -13.98 -0.06
C ASP A 277 15.92 -13.05 1.13
N LEU A 278 16.10 -11.74 0.91
CA LEU A 278 16.23 -10.79 1.99
C LEU A 278 14.90 -10.76 2.76
N PHE A 279 13.75 -10.75 2.09
CA PHE A 279 12.48 -10.66 2.81
C PHE A 279 12.33 -11.89 3.69
N LYS A 280 12.60 -13.08 3.14
CA LYS A 280 12.51 -14.32 3.93
C LYS A 280 13.42 -14.25 5.14
N ALA A 281 14.62 -13.74 4.99
CA ALA A 281 15.59 -13.62 6.07
C ALA A 281 15.05 -12.69 7.18
N GLU A 282 14.22 -11.73 6.78
CA GLU A 282 13.68 -10.77 7.72
C GLU A 282 12.24 -11.06 8.10
N LYS A 283 11.83 -12.31 8.01
CA LYS A 283 10.49 -12.74 8.30
C LYS A 283 10.05 -12.41 9.75
N GLN A 284 11.01 -12.21 10.66
CA GLN A 284 10.58 -11.85 12.02
C GLN A 284 10.02 -10.43 12.07
N TYR A 285 10.19 -9.66 10.99
CA TYR A 285 9.69 -8.29 10.94
C TYR A 285 8.63 -8.05 9.90
N ILE A 286 8.79 -8.71 8.78
CA ILE A 286 7.90 -8.49 7.65
C ILE A 286 6.68 -9.34 7.75
N THR A 287 5.50 -8.73 7.70
CA THR A 287 4.24 -9.44 7.84
C THR A 287 3.35 -9.50 6.59
N ALA A 288 3.84 -8.88 5.50
CA ALA A 288 3.14 -8.94 4.20
C ALA A 288 4.04 -8.40 3.13
N VAL A 289 3.91 -8.98 1.94
CA VAL A 289 4.60 -8.45 0.72
C VAL A 289 3.54 -8.38 -0.35
N VAL A 290 3.31 -7.17 -0.88
CA VAL A 290 2.24 -6.91 -1.88
C VAL A 290 2.85 -6.29 -3.14
N PHE A 291 2.49 -6.86 -4.30
CA PHE A 291 2.92 -6.33 -5.62
C PHE A 291 1.91 -5.29 -6.07
N TRP A 292 2.45 -4.20 -6.65
CA TRP A 292 1.57 -3.13 -7.07
C TRP A 292 1.05 -3.33 -8.50
N GLY A 293 0.21 -4.34 -8.65
CA GLY A 293 -0.40 -4.65 -9.94
C GLY A 293 -0.28 -6.16 -10.21
N VAL A 294 -1.26 -6.67 -10.95
CA VAL A 294 -1.32 -8.12 -11.27
C VAL A 294 -0.35 -8.57 -12.37
N SER A 295 -0.16 -7.74 -13.39
CA SER A 295 0.66 -8.17 -14.52
C SER A 295 1.19 -6.92 -15.21
N ASP A 296 2.24 -7.06 -16.02
CA ASP A 296 2.88 -5.86 -16.58
C ASP A 296 1.98 -4.94 -17.38
N ASP A 297 1.03 -5.51 -18.11
CA ASP A 297 0.13 -4.72 -18.94
C ASP A 297 -0.82 -3.81 -18.13
N VAL A 298 -0.98 -4.08 -16.83
CA VAL A 298 -1.84 -3.22 -16.03
C VAL A 298 -1.05 -2.46 -14.99
N SER A 299 0.27 -2.42 -15.10
CA SER A 299 1.08 -1.63 -14.16
C SER A 299 0.89 -0.13 -14.35
N TRP A 300 0.93 0.61 -13.22
CA TRP A 300 0.80 2.04 -13.27
C TRP A 300 2.02 2.76 -13.88
N LEU A 301 3.16 2.07 -14.04
CA LEU A 301 4.35 2.75 -14.60
C LEU A 301 4.10 2.96 -16.13
N SER A 302 4.66 4.04 -16.65
CA SER A 302 4.48 4.35 -18.06
C SER A 302 5.37 3.37 -18.85
N LYS A 303 5.01 3.25 -20.11
CA LYS A 303 5.61 2.33 -21.02
C LYS A 303 6.79 2.95 -21.70
N PRO A 304 7.73 2.12 -22.11
CA PRO A 304 7.68 0.66 -21.94
C PRO A 304 8.16 0.28 -20.52
N ASN A 305 7.63 -0.83 -20.05
CA ASN A 305 8.03 -1.35 -18.72
C ASN A 305 7.79 -2.82 -18.71
N ALA A 306 8.33 -3.44 -17.64
CA ALA A 306 8.09 -4.88 -17.37
C ALA A 306 8.39 -5.04 -15.88
N PRO A 307 7.54 -4.46 -14.99
CA PRO A 307 7.82 -4.44 -13.57
C PRO A 307 7.53 -5.55 -12.62
N LEU A 308 6.75 -6.54 -13.06
CA LEU A 308 6.17 -7.54 -12.18
C LEU A 308 6.60 -8.95 -12.51
N LEU A 309 5.96 -9.91 -11.86
CA LEU A 309 6.36 -11.33 -12.10
C LEU A 309 5.61 -11.95 -13.26
N PHE A 310 4.55 -11.34 -13.73
CA PHE A 310 3.74 -11.82 -14.86
C PHE A 310 3.77 -10.77 -15.93
N ASP A 311 4.01 -11.19 -17.19
CA ASP A 311 4.22 -10.24 -18.27
C ASP A 311 2.92 -9.73 -18.89
N SER A 312 3.07 -8.99 -19.99
CA SER A 312 1.90 -8.39 -20.61
C SER A 312 0.96 -9.37 -21.31
N LYS A 313 1.36 -10.65 -21.34
CA LYS A 313 0.52 -11.72 -21.86
C LYS A 313 0.09 -12.63 -20.72
N LEU A 314 0.32 -12.17 -19.47
CA LEU A 314 -0.06 -12.86 -18.26
C LEU A 314 0.72 -14.11 -17.97
N GLN A 315 1.85 -14.23 -18.66
CA GLN A 315 2.72 -15.40 -18.44
C GLN A 315 3.81 -15.14 -17.39
N ALA A 316 4.17 -16.19 -16.66
CA ALA A 316 5.23 -16.12 -15.68
C ALA A 316 6.56 -15.74 -16.32
N LYS A 317 7.26 -14.76 -15.76
CA LYS A 317 8.53 -14.30 -16.28
C LYS A 317 9.68 -15.02 -15.59
N PRO A 318 10.91 -14.77 -16.04
CA PRO A 318 12.08 -15.40 -15.42
C PRO A 318 12.12 -15.09 -13.91
N ALA A 319 11.65 -13.91 -13.50
CA ALA A 319 11.68 -13.57 -12.06
C ALA A 319 10.74 -14.44 -11.24
N TYR A 320 9.63 -14.84 -11.83
CA TYR A 320 8.70 -15.75 -11.14
C TYR A 320 9.42 -17.06 -10.87
N TRP A 321 10.03 -17.59 -11.93
CA TRP A 321 10.70 -18.88 -11.73
C TRP A 321 11.87 -18.77 -10.78
N ALA A 322 12.62 -17.66 -10.77
CA ALA A 322 13.74 -17.51 -9.86
C ALA A 322 13.30 -17.54 -8.40
N ILE A 323 12.12 -16.99 -8.11
CA ILE A 323 11.60 -16.89 -6.75
C ILE A 323 10.94 -18.17 -6.29
N VAL A 324 10.28 -18.89 -7.18
CA VAL A 324 9.62 -20.10 -6.72
C VAL A 324 10.57 -21.29 -6.76
C1 XYS B . 2.29 4.56 -4.34
C2 XYS B . 0.93 5.04 -3.84
C3 XYS B . -0.19 4.41 -4.66
C4 XYS B . 0.02 4.75 -6.13
C5 XYS B . 1.37 4.17 -6.53
O1 XYS B . 2.41 3.15 -4.11
O2 XYS B . 0.77 4.77 -2.43
O3 XYS B . -1.47 4.92 -4.24
O4 XYS B . -1.05 4.13 -6.87
O5 XYS B . 2.36 4.85 -5.74
C1 XYP B . -1.22 4.74 -8.15
C2 XYP B . -2.16 3.83 -8.92
C3 XYP B . -2.56 4.48 -10.22
C4 XYP B . -3.13 5.87 -9.95
C5 XYP B . -2.11 6.66 -9.16
O2 XYP B . -1.41 2.64 -9.20
O3 XYP B . -3.58 3.68 -10.84
O4 XYP B . -3.31 6.51 -11.22
O5 XYP B . -1.88 5.99 -7.92
C1 XYP B . -4.35 7.49 -11.22
C2 XYP B . -4.19 8.31 -12.49
C3 XYP B . -5.38 9.24 -12.67
C4 XYP B . -6.66 8.41 -12.66
C5 XYP B . -6.71 7.60 -11.39
O2 XYP B . -2.96 9.05 -12.42
O3 XYP B . -5.23 9.90 -13.94
O4 XYP B . -7.82 9.27 -12.72
O5 XYP B . -5.56 6.74 -11.30
C1 XYP B . -8.97 8.81 -13.47
C2 XYP B . -10.20 9.48 -12.86
C3 XYP B . -11.46 9.44 -13.73
C4 XYP B . -11.18 9.76 -15.18
C5 XYP B . -9.85 9.20 -15.68
O2 XYP B . -10.49 9.04 -11.53
O3 XYP B . -12.52 10.26 -13.20
O4 XYP B . -12.26 9.26 -15.98
O5 XYP B . -8.75 9.33 -14.78
#